data_7PBA
#
_entry.id   7PBA
#
_cell.length_a   67.711
_cell.length_b   131.852
_cell.length_c   66.634
_cell.angle_alpha   90.000
_cell.angle_beta   90.000
_cell.angle_gamma   90.000
#
_symmetry.space_group_name_H-M   'P 21 21 2'
#
loop_
_entity.id
_entity.type
_entity.pdbx_description
1 polymer "5'-nucleotidase"
2 non-polymer 'ZINC ION'
3 non-polymer 'CALCIUM ION'
4 non-polymer GLYCEROL
5 non-polymer 'INOSINIC ACID'
6 water water
#
_entity_poly.entity_id   1
_entity_poly.type   'polypeptide(L)'
_entity_poly.pdbx_seq_one_letter_code
;MAHHHHHHVGTGSNDDDDKSPDPWELTILHTNDVHSRLEQTSEDSSKCVDASRCMGGVARLFTKVQQIRRAEPNVLLLDA
GDQYQGTIWFTVYKGAEVAHFMNALRYDAMALGNHEFDNGVEGLIEPLLKEAKFPILSANISASGPLASQISGLYLPYKV
LPVGDEVVGIVGYTSKETPFLSNPGTNLVFEDEITALQPEVDKLKTLNVNKIIALGHSGFEMDKLIAQKVRGVDVVVGGH
SNTFLYTGNPPSKEVPAGKYPFIVTSDDGRKVPVVQAYAFGKYLGYLKIEFDERGNVISSHGNPILLDSSIPEDPSIKAD
INKWRIKLDDYSTQELGKTIVYLDGSSQSCRFRECNMGNLICDAMINNNLRHADEMFWNHVSMCILNGGGIRSPIDERND
GTITWENLAAVLPFGGTFDLVQLKGSTLKKAFEHSVHRYGQSTGEFLQVGGIHVVYDLSRKPGDRVVKLDVLCTSCRVPS
YDPLKMDEVYKVILPNFLANGGDGFQMIKDELLRHDSGDQDINVVSTYISKMKVIYPAVEGRIKFS
;
_entity_poly.pdbx_strand_id   A
#
loop_
_chem_comp.id
_chem_comp.type
_chem_comp.name
_chem_comp.formula
CA non-polymer 'CALCIUM ION' 'Ca 2'
GOL non-polymer GLYCEROL 'C3 H8 O3'
IMP non-polymer 'INOSINIC ACID' 'C10 H13 N4 O8 P'
ZN non-polymer 'ZINC ION' 'Zn 2'
#
# COMPACT_ATOMS: atom_id res chain seq x y z
N PRO A 23 -12.10 34.80 -12.24
CA PRO A 23 -12.04 33.37 -11.85
C PRO A 23 -11.21 33.18 -10.58
N TRP A 24 -11.65 32.27 -9.74
CA TRP A 24 -11.05 31.95 -8.43
C TRP A 24 -10.17 30.71 -8.61
N GLU A 25 -8.89 30.86 -8.36
CA GLU A 25 -7.88 29.81 -8.63
C GLU A 25 -7.49 29.09 -7.35
N LEU A 26 -7.53 27.77 -7.39
CA LEU A 26 -7.15 26.94 -6.23
C LEU A 26 -5.99 26.06 -6.65
N THR A 27 -4.97 25.97 -5.81
CA THR A 27 -3.87 25.03 -5.98
C THR A 27 -4.10 23.87 -5.00
N ILE A 28 -4.27 22.68 -5.56
CA ILE A 28 -4.38 21.41 -4.80
C ILE A 28 -3.01 20.72 -4.83
N LEU A 29 -2.44 20.61 -3.62
CA LEU A 29 -1.24 19.80 -3.37
C LEU A 29 -1.68 18.49 -2.77
N HIS A 30 -1.17 17.37 -3.25
CA HIS A 30 -1.68 16.09 -2.76
C HIS A 30 -0.63 15.00 -2.73
N THR A 31 -0.75 14.14 -1.73
CA THR A 31 0.04 12.93 -1.54
C THR A 31 -0.93 11.76 -1.37
N ASN A 32 -0.44 10.57 -1.62
CA ASN A 32 -1.18 9.31 -1.40
C ASN A 32 -0.21 8.16 -1.27
N ASP A 33 -0.58 7.17 -0.48
CA ASP A 33 0.19 5.92 -0.33
C ASP A 33 1.66 6.28 0.02
N VAL A 34 1.84 7.21 0.94
CA VAL A 34 3.21 7.58 1.41
C VAL A 34 3.82 6.39 2.12
N HIS A 35 3.04 5.56 2.81
CA HIS A 35 3.52 4.26 3.31
C HIS A 35 4.82 4.42 4.11
N SER A 36 4.78 5.30 5.09
CA SER A 36 5.80 5.30 6.17
CA SER A 36 5.79 5.35 6.18
C SER A 36 7.16 5.74 5.62
N ARG A 37 7.20 6.40 4.48
CA ARG A 37 8.47 6.93 3.93
C ARG A 37 8.74 8.30 4.55
N LEU A 38 8.96 8.33 5.86
CA LEU A 38 9.24 9.58 6.61
C LEU A 38 10.62 10.10 6.14
N GLU A 39 11.58 9.21 5.99
CA GLU A 39 12.94 9.58 5.54
C GLU A 39 12.99 9.58 4.02
N GLN A 40 13.93 10.35 3.47
CA GLN A 40 14.22 10.24 2.02
C GLN A 40 14.66 8.81 1.69
N THR A 41 14.45 8.46 0.44
CA THR A 41 14.57 7.10 -0.12
C THR A 41 15.49 7.07 -1.33
N SER A 42 15.87 5.86 -1.73
CA SER A 42 16.47 5.64 -3.07
C SER A 42 15.44 5.97 -4.18
N GLU A 43 15.84 5.93 -5.43
CA GLU A 43 14.96 6.17 -6.62
C GLU A 43 13.82 5.13 -6.62
N ASP A 44 14.02 3.91 -6.08
CA ASP A 44 13.02 2.81 -6.08
C ASP A 44 12.29 2.79 -4.72
N SER A 45 12.46 3.83 -3.90
CA SER A 45 11.70 4.06 -2.67
C SER A 45 12.18 3.14 -1.54
N SER A 46 13.33 2.50 -1.72
CA SER A 46 13.96 1.66 -0.66
C SER A 46 14.92 2.56 0.13
N LYS A 47 15.69 1.96 1.00
CA LYS A 47 16.65 2.66 1.88
C LYS A 47 17.53 3.61 1.05
N CYS A 48 17.64 4.85 1.52
CA CYS A 48 18.59 5.84 0.96
C CYS A 48 20.01 5.35 1.23
N VAL A 49 20.84 5.19 0.18
CA VAL A 49 22.27 4.77 0.27
C VAL A 49 23.16 5.94 -0.19
N ASP A 50 22.93 6.45 -1.38
CA ASP A 50 23.68 7.58 -1.95
C ASP A 50 22.85 8.85 -1.75
N ALA A 51 23.07 9.54 -0.63
CA ALA A 51 22.32 10.74 -0.14
C ALA A 51 22.13 11.75 -1.27
N SER A 52 23.17 11.95 -2.08
CA SER A 52 23.23 13.02 -3.09
C SER A 52 22.21 12.78 -4.20
N ARG A 53 21.68 11.56 -4.32
CA ARG A 53 20.68 11.21 -5.36
C ARG A 53 19.38 10.72 -4.67
N CYS A 54 19.17 10.91 -3.36
CA CYS A 54 17.95 10.42 -2.68
C CYS A 54 16.77 11.37 -2.92
N MET A 55 15.57 10.87 -2.60
CA MET A 55 14.30 11.49 -3.01
C MET A 55 13.26 11.46 -1.89
N GLY A 56 12.29 12.36 -1.94
CA GLY A 56 11.17 12.28 -1.00
C GLY A 56 11.59 12.52 0.42
N GLY A 57 10.80 11.96 1.30
CA GLY A 57 10.86 12.21 2.75
C GLY A 57 10.12 13.47 3.13
N VAL A 58 9.72 13.55 4.41
CA VAL A 58 8.87 14.69 4.88
CA VAL A 58 8.87 14.68 4.86
C VAL A 58 9.69 15.99 4.97
N ALA A 59 11.00 15.92 5.26
CA ALA A 59 11.77 17.20 5.33
C ALA A 59 11.80 17.91 3.96
N ARG A 60 12.01 17.16 2.89
CA ARG A 60 12.01 17.71 1.51
C ARG A 60 10.60 18.16 1.14
N LEU A 61 9.59 17.35 1.43
CA LEU A 61 8.19 17.76 1.16
C LEU A 61 7.92 19.11 1.83
N PHE A 62 8.36 19.29 3.08
CA PHE A 62 8.11 20.55 3.80
C PHE A 62 8.67 21.74 2.99
N THR A 63 9.91 21.60 2.52
CA THR A 63 10.58 22.68 1.75
C THR A 63 9.68 23.06 0.57
N LYS A 64 9.22 22.07 -0.17
CA LYS A 64 8.47 22.36 -1.43
C LYS A 64 7.08 22.96 -1.11
N VAL A 65 6.38 22.39 -0.13
CA VAL A 65 5.05 22.91 0.25
C VAL A 65 5.19 24.37 0.75
N GLN A 66 6.22 24.63 1.52
CA GLN A 66 6.46 26.00 2.04
C GLN A 66 6.67 26.96 0.86
N GLN A 67 7.49 26.54 -0.09
CA GLN A 67 7.77 27.39 -1.28
CA GLN A 67 7.79 27.38 -1.28
C GLN A 67 6.48 27.70 -2.04
N ILE A 68 5.65 26.70 -2.24
CA ILE A 68 4.39 26.91 -3.00
C ILE A 68 3.46 27.82 -2.21
N ARG A 69 3.36 27.63 -0.90
CA ARG A 69 2.45 28.47 -0.09
C ARG A 69 2.91 29.93 -0.03
N ARG A 70 4.20 30.21 -0.26
N ARG A 70 4.20 30.22 -0.23
CA ARG A 70 4.72 31.59 -0.36
CA ARG A 70 4.65 31.62 -0.36
C ARG A 70 4.28 32.25 -1.67
C ARG A 70 4.01 32.22 -1.61
N ALA A 71 3.98 31.45 -2.71
CA ALA A 71 3.69 31.94 -4.08
C ALA A 71 2.19 31.97 -4.43
N GLU A 72 1.41 31.07 -3.87
CA GLU A 72 0.01 30.83 -4.33
C GLU A 72 -0.93 31.15 -3.18
N PRO A 73 -1.91 32.04 -3.38
CA PRO A 73 -2.76 32.44 -2.25
C PRO A 73 -3.72 31.38 -1.71
N ASN A 74 -4.29 30.55 -2.59
CA ASN A 74 -5.37 29.60 -2.23
C ASN A 74 -4.78 28.20 -2.44
N VAL A 75 -4.39 27.56 -1.34
CA VAL A 75 -3.72 26.25 -1.37
C VAL A 75 -4.41 25.31 -0.39
N LEU A 76 -4.61 24.09 -0.86
CA LEU A 76 -4.96 22.98 0.01
C LEU A 76 -3.91 21.89 -0.13
N LEU A 77 -3.55 21.30 0.99
CA LEU A 77 -2.64 20.15 1.04
C LEU A 77 -3.46 18.98 1.56
N LEU A 78 -3.59 17.98 0.72
CA LEU A 78 -4.51 16.85 0.95
C LEU A 78 -3.75 15.53 0.92
N ASP A 79 -4.18 14.55 1.72
CA ASP A 79 -3.63 13.20 1.64
C ASP A 79 -4.76 12.21 1.37
N ALA A 80 -4.59 11.32 0.42
CA ALA A 80 -5.64 10.37 0.00
C ALA A 80 -5.46 9.01 0.67
N GLY A 81 -4.79 8.95 1.82
CA GLY A 81 -4.77 7.74 2.64
C GLY A 81 -3.51 6.90 2.46
N ASP A 82 -3.35 5.93 3.36
CA ASP A 82 -2.24 4.97 3.34
C ASP A 82 -0.93 5.69 3.68
N GLN A 83 -0.98 6.50 4.72
CA GLN A 83 0.23 6.89 5.47
C GLN A 83 0.74 5.72 6.34
N TYR A 84 -0.17 4.95 6.91
CA TYR A 84 0.23 3.77 7.71
C TYR A 84 0.90 2.71 6.82
N GLN A 85 1.83 1.97 7.44
CA GLN A 85 2.47 0.73 6.96
C GLN A 85 3.56 0.99 5.89
N GLY A 86 4.77 0.46 6.15
CA GLY A 86 5.78 0.48 5.06
C GLY A 86 7.21 0.41 5.53
N THR A 87 7.51 0.95 6.71
CA THR A 87 8.89 0.96 7.22
C THR A 87 8.85 0.72 8.73
N ILE A 88 10.03 0.60 9.30
CA ILE A 88 10.22 0.45 10.77
C ILE A 88 9.61 1.66 11.51
N TRP A 89 9.48 2.83 10.89
CA TRP A 89 8.79 3.97 11.53
C TRP A 89 7.42 3.54 12.03
N PHE A 90 6.63 2.87 11.18
CA PHE A 90 5.27 2.43 11.55
C PHE A 90 5.33 1.32 12.59
N THR A 91 6.25 0.40 12.42
CA THR A 91 6.44 -0.72 13.38
C THR A 91 6.57 -0.17 14.80
N VAL A 92 7.43 0.86 14.96
CA VAL A 92 7.78 1.37 16.29
C VAL A 92 6.76 2.40 16.79
N TYR A 93 6.43 3.38 15.93
CA TYR A 93 5.62 4.54 16.38
C TYR A 93 4.12 4.33 16.15
N LYS A 94 3.72 3.40 15.29
CA LYS A 94 2.33 2.91 15.18
C LYS A 94 1.35 4.02 14.83
N GLY A 95 1.79 4.99 14.05
CA GLY A 95 0.91 6.09 13.63
C GLY A 95 1.17 7.41 14.37
N ALA A 96 1.84 7.40 15.50
CA ALA A 96 2.20 8.67 16.19
C ALA A 96 3.11 9.51 15.29
N GLU A 97 4.00 8.89 14.49
CA GLU A 97 4.83 9.63 13.54
C GLU A 97 3.99 10.28 12.42
N VAL A 98 2.90 9.62 12.02
CA VAL A 98 1.99 10.16 10.98
C VAL A 98 1.35 11.42 11.50
N ALA A 99 0.75 11.34 12.70
CA ALA A 99 0.08 12.55 13.24
C ALA A 99 1.12 13.66 13.42
N HIS A 100 2.28 13.33 13.98
CA HIS A 100 3.28 14.37 14.29
C HIS A 100 3.79 15.09 13.04
N PHE A 101 4.17 14.34 12.01
CA PHE A 101 4.78 14.96 10.83
C PHE A 101 3.71 15.47 9.86
N MET A 102 2.51 14.89 9.81
CA MET A 102 1.44 15.53 9.01
C MET A 102 1.03 16.84 9.68
N ASN A 103 1.01 16.88 11.00
CA ASN A 103 0.69 18.14 11.72
C ASN A 103 1.76 19.18 11.41
N ALA A 104 3.03 18.79 11.40
CA ALA A 104 4.16 19.74 11.10
C ALA A 104 4.07 20.31 9.68
N LEU A 105 3.56 19.50 8.75
CA LEU A 105 3.39 19.95 7.35
CA LEU A 105 3.36 19.90 7.32
C LEU A 105 2.05 20.69 7.17
N ARG A 106 1.20 20.76 8.20
CA ARG A 106 -0.07 21.49 8.16
C ARG A 106 -0.91 20.94 6.99
N TYR A 107 -1.08 19.62 6.89
CA TYR A 107 -2.14 19.08 6.00
C TYR A 107 -3.49 19.68 6.36
N ASP A 108 -4.31 19.91 5.32
CA ASP A 108 -5.67 20.46 5.47
C ASP A 108 -6.70 19.35 5.66
N ALA A 109 -6.47 18.18 5.11
CA ALA A 109 -7.40 17.03 5.26
C ALA A 109 -6.76 15.74 4.79
N MET A 110 -7.27 14.60 5.27
CA MET A 110 -6.82 13.27 4.89
C MET A 110 -8.04 12.37 4.77
N ALA A 111 -8.06 11.52 3.76
CA ALA A 111 -9.02 10.40 3.68
C ALA A 111 -8.40 9.16 4.30
N LEU A 112 -9.26 8.32 4.90
CA LEU A 112 -8.81 7.01 5.41
C LEU A 112 -8.52 6.06 4.25
N GLY A 113 -7.35 5.46 4.31
CA GLY A 113 -6.99 4.38 3.41
C GLY A 113 -7.21 3.00 4.07
N ASN A 114 -7.01 1.96 3.30
CA ASN A 114 -7.13 0.59 3.86
C ASN A 114 -6.09 0.34 4.94
N HIS A 115 -4.84 0.76 4.73
CA HIS A 115 -3.79 0.45 5.74
C HIS A 115 -3.96 1.25 7.04
N GLU A 116 -4.81 2.29 7.07
CA GLU A 116 -5.11 2.93 8.38
C GLU A 116 -5.86 1.98 9.34
N PHE A 117 -6.26 0.80 8.87
CA PHE A 117 -6.92 -0.23 9.71
C PHE A 117 -5.97 -1.38 10.08
N ASP A 118 -4.67 -1.27 9.79
CA ASP A 118 -3.78 -2.42 9.97
C ASP A 118 -3.69 -2.85 11.44
N ASN A 119 -3.78 -1.90 12.35
CA ASN A 119 -3.72 -2.15 13.80
C ASN A 119 -5.13 -2.12 14.41
N GLY A 120 -6.13 -2.39 13.58
CA GLY A 120 -7.49 -2.38 14.11
C GLY A 120 -8.02 -0.99 14.23
N VAL A 121 -9.28 -0.89 14.61
CA VAL A 121 -9.93 0.42 14.88
CA VAL A 121 -9.88 0.45 14.81
C VAL A 121 -9.21 1.09 16.05
N GLU A 122 -8.78 0.32 17.06
CA GLU A 122 -8.13 0.94 18.24
C GLU A 122 -6.80 1.59 17.83
N GLY A 123 -6.10 1.00 16.86
CA GLY A 123 -4.80 1.52 16.35
C GLY A 123 -4.95 2.66 15.38
N LEU A 124 -6.18 3.00 15.03
CA LEU A 124 -6.55 4.20 14.23
C LEU A 124 -7.01 5.32 15.17
N ILE A 125 -7.90 5.01 16.08
CA ILE A 125 -8.44 6.05 16.99
C ILE A 125 -7.29 6.69 17.75
N GLU A 126 -6.40 5.94 18.38
N GLU A 126 -6.44 5.83 18.32
CA GLU A 126 -5.57 6.51 19.49
CA GLU A 126 -5.23 6.23 19.04
C GLU A 126 -4.40 7.30 18.90
C GLU A 126 -4.02 5.58 18.37
N PRO A 127 -3.54 6.79 17.97
N PRO A 127 -3.20 6.36 17.59
CA PRO A 127 -2.39 7.55 17.51
CA PRO A 127 -2.84 7.73 17.90
C PRO A 127 -2.86 8.59 16.52
C PRO A 127 -3.52 8.70 16.90
N LEU A 128 -3.88 8.29 15.69
CA LEU A 128 -4.14 9.23 14.57
C LEU A 128 -5.38 10.09 14.76
N LEU A 129 -6.54 9.48 14.95
CA LEU A 129 -7.77 10.31 14.97
C LEU A 129 -7.73 11.28 16.15
N LYS A 130 -7.17 10.88 17.29
CA LYS A 130 -7.14 11.77 18.46
C LYS A 130 -6.04 12.82 18.38
N GLU A 131 -5.03 12.63 17.55
CA GLU A 131 -3.84 13.53 17.57
C GLU A 131 -3.76 14.40 16.31
N ALA A 132 -4.38 14.03 15.19
CA ALA A 132 -4.34 14.88 13.99
C ALA A 132 -4.98 16.24 14.29
N LYS A 133 -4.39 17.29 13.74
CA LYS A 133 -4.93 18.66 13.84
C LYS A 133 -5.72 19.03 12.60
N PHE A 134 -6.03 18.08 11.75
CA PHE A 134 -6.80 18.27 10.49
C PHE A 134 -7.90 17.22 10.50
N PRO A 135 -8.97 17.46 9.72
CA PRO A 135 -10.02 16.45 9.62
C PRO A 135 -9.61 15.23 8.83
N ILE A 136 -10.11 14.09 9.31
CA ILE A 136 -9.91 12.78 8.70
C ILE A 136 -11.26 12.26 8.22
N LEU A 137 -11.33 11.90 6.94
CA LEU A 137 -12.59 11.81 6.20
C LEU A 137 -12.82 10.42 5.62
N SER A 138 -14.07 9.97 5.76
CA SER A 138 -14.62 8.87 4.93
C SER A 138 -16.15 8.83 5.06
N ALA A 139 -16.82 8.99 3.94
CA ALA A 139 -18.29 9.03 3.90
C ALA A 139 -18.92 7.64 3.78
N ASN A 140 -18.16 6.56 3.59
CA ASN A 140 -18.74 5.23 3.30
C ASN A 140 -18.37 4.19 4.37
N ILE A 141 -17.94 4.65 5.52
CA ILE A 141 -17.69 3.75 6.69
C ILE A 141 -18.70 4.05 7.80
N SER A 142 -19.46 3.05 8.21
CA SER A 142 -20.41 3.21 9.34
C SER A 142 -20.05 2.21 10.43
N ALA A 143 -20.36 2.56 11.67
CA ALA A 143 -20.07 1.76 12.87
C ALA A 143 -21.42 1.40 13.50
N SER A 144 -21.41 0.35 14.31
CA SER A 144 -22.60 -0.09 15.06
C SER A 144 -22.20 -0.41 16.48
N GLY A 145 -23.21 -0.61 17.33
CA GLY A 145 -22.94 -0.99 18.73
C GLY A 145 -22.14 0.09 19.45
N PRO A 146 -21.55 -0.27 20.59
CA PRO A 146 -20.76 0.67 21.38
C PRO A 146 -19.62 1.36 20.58
N LEU A 147 -19.05 0.72 19.55
CA LEU A 147 -18.02 1.42 18.71
C LEU A 147 -18.61 2.69 18.11
N ALA A 148 -19.86 2.66 17.66
CA ALA A 148 -20.44 3.89 17.03
C ALA A 148 -20.31 5.10 17.98
N SER A 149 -20.67 4.95 19.25
CA SER A 149 -20.55 6.03 20.26
C SER A 149 -19.08 6.38 20.49
N GLN A 150 -18.18 5.41 20.51
CA GLN A 150 -16.73 5.66 20.82
C GLN A 150 -16.07 6.46 19.71
N ILE A 151 -16.48 6.21 18.45
CA ILE A 151 -15.76 6.81 17.28
C ILE A 151 -16.52 8.01 16.71
N SER A 152 -17.73 8.30 17.19
CA SER A 152 -18.59 9.35 16.60
C SER A 152 -17.86 10.69 16.49
N GLY A 153 -17.75 11.20 15.28
CA GLY A 153 -17.15 12.54 15.04
C GLY A 153 -15.64 12.49 14.94
N LEU A 154 -14.98 11.36 15.20
CA LEU A 154 -13.50 11.30 15.13
C LEU A 154 -13.02 11.19 13.69
N TYR A 155 -13.84 10.67 12.81
CA TYR A 155 -13.74 10.82 11.34
C TYR A 155 -15.11 11.36 10.88
N LEU A 156 -15.14 12.00 9.73
CA LEU A 156 -16.29 12.75 9.19
C LEU A 156 -16.56 12.31 7.76
N PRO A 157 -17.82 12.42 7.29
CA PRO A 157 -18.03 12.15 5.86
C PRO A 157 -17.35 13.19 4.97
N TYR A 158 -17.38 14.42 5.42
CA TYR A 158 -16.84 15.58 4.70
C TYR A 158 -16.50 16.68 5.69
N LYS A 159 -15.73 17.65 5.21
CA LYS A 159 -15.50 18.92 5.94
C LYS A 159 -15.56 20.07 4.95
N VAL A 160 -16.21 21.13 5.34
CA VAL A 160 -16.20 22.40 4.55
C VAL A 160 -15.09 23.28 5.11
N LEU A 161 -14.12 23.60 4.27
CA LEU A 161 -12.93 24.35 4.68
C LEU A 161 -12.97 25.74 4.10
N PRO A 162 -12.61 26.75 4.91
CA PRO A 162 -12.43 28.10 4.37
C PRO A 162 -11.09 28.16 3.63
N VAL A 163 -11.11 28.76 2.44
CA VAL A 163 -9.90 29.02 1.62
C VAL A 163 -10.01 30.47 1.13
N GLY A 164 -9.17 31.36 1.63
CA GLY A 164 -9.39 32.79 1.32
C GLY A 164 -10.79 33.22 1.75
N ASP A 165 -11.54 33.86 0.87
CA ASP A 165 -12.93 34.33 1.15
C ASP A 165 -13.95 33.31 0.66
N GLU A 166 -13.51 32.13 0.25
CA GLU A 166 -14.41 31.10 -0.29
C GLU A 166 -14.44 29.90 0.66
N VAL A 167 -15.29 28.92 0.35
CA VAL A 167 -15.24 27.62 1.04
C VAL A 167 -15.19 26.50 -0.01
N VAL A 168 -14.58 25.41 0.39
CA VAL A 168 -14.44 24.20 -0.43
C VAL A 168 -14.88 23.02 0.43
N GLY A 169 -15.77 22.21 -0.13
CA GLY A 169 -16.14 20.96 0.52
C GLY A 169 -15.22 19.84 0.10
N ILE A 170 -14.79 19.08 1.07
CA ILE A 170 -14.00 17.86 0.78
CA ILE A 170 -13.95 17.88 0.87
C ILE A 170 -14.73 16.67 1.36
N VAL A 171 -15.01 15.71 0.46
N VAL A 171 -15.05 15.75 0.45
CA VAL A 171 -15.83 14.52 0.81
CA VAL A 171 -15.81 14.54 0.87
C VAL A 171 -14.96 13.26 0.66
C VAL A 171 -14.88 13.33 0.72
N GLY A 172 -14.84 12.47 1.73
CA GLY A 172 -13.93 11.31 1.76
C GLY A 172 -14.56 10.00 1.31
N TYR A 173 -13.73 9.05 0.95
CA TYR A 173 -14.18 7.66 0.70
C TYR A 173 -13.01 6.70 0.91
N THR A 174 -13.34 5.45 1.20
CA THR A 174 -12.36 4.38 1.47
C THR A 174 -12.78 3.09 0.78
N SER A 175 -11.80 2.34 0.27
CA SER A 175 -12.05 1.09 -0.47
C SER A 175 -13.12 0.24 0.22
N LYS A 176 -14.14 -0.17 -0.54
CA LYS A 176 -15.13 -1.16 -0.05
C LYS A 176 -14.45 -2.49 0.25
N GLU A 177 -13.26 -2.73 -0.33
CA GLU A 177 -12.52 -4.00 -0.19
C GLU A 177 -11.65 -4.00 1.09
N THR A 178 -11.68 -2.93 1.89
CA THR A 178 -10.80 -2.84 3.09
C THR A 178 -10.87 -4.11 3.98
N PRO A 179 -12.03 -4.76 4.24
CA PRO A 179 -12.04 -5.97 5.06
C PRO A 179 -11.11 -7.10 4.59
N PHE A 180 -10.80 -7.14 3.28
CA PHE A 180 -9.91 -8.16 2.69
C PHE A 180 -8.45 -7.70 2.69
N LEU A 181 -8.19 -6.42 2.91
CA LEU A 181 -6.89 -5.78 2.68
C LEU A 181 -6.33 -5.17 3.94
N SER A 182 -6.95 -5.35 5.09
CA SER A 182 -6.54 -4.79 6.39
C SER A 182 -7.37 -5.47 7.49
N ASN A 183 -7.33 -4.90 8.68
CA ASN A 183 -7.90 -5.53 9.90
C ASN A 183 -8.92 -4.61 10.58
N PRO A 184 -9.95 -4.13 9.85
CA PRO A 184 -10.92 -3.21 10.45
C PRO A 184 -11.85 -3.81 11.52
N GLY A 185 -11.93 -5.13 11.64
CA GLY A 185 -12.83 -5.73 12.64
C GLY A 185 -14.23 -5.91 12.07
N THR A 186 -15.17 -6.39 12.88
CA THR A 186 -16.52 -6.78 12.39
C THR A 186 -17.60 -5.78 12.77
N ASN A 187 -17.27 -4.66 13.36
N ASN A 187 -17.21 -4.61 13.34
CA ASN A 187 -18.36 -3.68 13.57
CA ASN A 187 -18.10 -3.51 13.84
C ASN A 187 -18.48 -2.85 12.29
C ASN A 187 -18.09 -2.28 12.90
N LEU A 188 -17.36 -2.36 11.79
CA LEU A 188 -17.40 -1.35 10.73
C LEU A 188 -17.97 -1.97 9.47
N VAL A 189 -18.75 -1.19 8.74
CA VAL A 189 -19.29 -1.58 7.41
C VAL A 189 -18.75 -0.57 6.38
N PHE A 190 -18.18 -1.09 5.31
CA PHE A 190 -17.69 -0.30 4.17
C PHE A 190 -18.74 -0.40 3.05
N GLU A 191 -19.44 0.70 2.84
CA GLU A 191 -20.55 0.88 1.87
CA GLU A 191 -20.54 0.71 1.86
C GLU A 191 -19.97 1.06 0.47
N ASP A 192 -20.74 0.75 -0.56
CA ASP A 192 -20.40 1.17 -1.94
C ASP A 192 -20.14 2.68 -1.96
N GLU A 193 -19.01 3.04 -2.56
CA GLU A 193 -18.50 4.45 -2.56
C GLU A 193 -19.52 5.40 -3.19
N ILE A 194 -19.99 5.10 -4.39
CA ILE A 194 -20.90 6.04 -5.13
C ILE A 194 -22.22 6.17 -4.39
N THR A 195 -22.76 5.07 -3.86
CA THR A 195 -24.04 5.08 -3.09
C THR A 195 -23.91 6.04 -1.92
N ALA A 196 -22.80 5.96 -1.17
CA ALA A 196 -22.59 6.78 0.05
C ALA A 196 -22.30 8.23 -0.34
N LEU A 197 -21.54 8.47 -1.41
CA LEU A 197 -21.03 9.83 -1.72
C LEU A 197 -22.18 10.70 -2.21
N GLN A 198 -23.09 10.17 -3.04
CA GLN A 198 -24.02 11.04 -3.77
C GLN A 198 -24.87 11.88 -2.80
N PRO A 199 -25.49 11.29 -1.75
CA PRO A 199 -26.32 12.09 -0.85
C PRO A 199 -25.51 13.15 -0.09
N GLU A 200 -24.24 12.88 0.23
CA GLU A 200 -23.39 13.86 0.92
C GLU A 200 -23.12 15.04 0.01
N VAL A 201 -22.86 14.78 -1.26
CA VAL A 201 -22.55 15.85 -2.24
C VAL A 201 -23.83 16.65 -2.51
N ASP A 202 -24.97 15.98 -2.55
CA ASP A 202 -26.25 16.72 -2.73
C ASP A 202 -26.51 17.57 -1.48
N LYS A 203 -26.18 17.06 -0.30
CA LYS A 203 -26.39 17.84 0.92
C LYS A 203 -25.53 19.11 0.88
N LEU A 204 -24.27 18.99 0.49
CA LEU A 204 -23.38 20.19 0.43
C LEU A 204 -23.96 21.22 -0.53
N LYS A 205 -24.60 20.81 -1.63
CA LYS A 205 -25.22 21.79 -2.53
C LYS A 205 -26.34 22.54 -1.79
N THR A 206 -27.15 21.85 -0.98
CA THR A 206 -28.24 22.51 -0.21
C THR A 206 -27.66 23.52 0.77
N LEU A 207 -26.40 23.36 1.16
CA LEU A 207 -25.71 24.22 2.15
C LEU A 207 -24.85 25.31 1.47
N ASN A 208 -25.09 25.54 0.18
CA ASN A 208 -24.44 26.63 -0.58
C ASN A 208 -22.93 26.36 -0.73
N VAL A 209 -22.54 25.09 -0.85
CA VAL A 209 -21.13 24.70 -1.11
C VAL A 209 -21.07 24.21 -2.56
N ASN A 210 -20.45 25.00 -3.43
CA ASN A 210 -20.51 24.81 -4.90
C ASN A 210 -19.15 24.34 -5.46
N LYS A 211 -18.13 24.22 -4.60
CA LYS A 211 -16.79 23.69 -4.96
C LYS A 211 -16.50 22.48 -4.11
N ILE A 212 -16.49 21.31 -4.76
CA ILE A 212 -16.45 20.00 -4.06
C ILE A 212 -15.29 19.15 -4.62
N ILE A 213 -14.46 18.71 -3.70
CA ILE A 213 -13.37 17.75 -3.97
C ILE A 213 -13.74 16.41 -3.37
N ALA A 214 -13.67 15.34 -4.14
CA ALA A 214 -13.79 13.96 -3.61
C ALA A 214 -12.35 13.48 -3.37
N LEU A 215 -12.01 13.21 -2.14
CA LEU A 215 -10.67 12.77 -1.69
C LEU A 215 -10.79 11.36 -1.14
N GLY A 216 -10.16 10.37 -1.72
CA GLY A 216 -10.40 9.03 -1.21
C GLY A 216 -9.51 7.97 -1.78
N HIS A 217 -9.79 6.75 -1.33
CA HIS A 217 -8.78 5.66 -1.30
C HIS A 217 -9.39 4.34 -1.79
N SER A 218 -9.68 4.27 -3.09
CA SER A 218 -10.34 3.11 -3.73
C SER A 218 -9.64 2.65 -5.00
N GLY A 219 -8.68 3.41 -5.50
CA GLY A 219 -7.97 3.07 -6.73
C GLY A 219 -8.46 3.86 -7.91
N PHE A 220 -7.57 4.01 -8.90
CA PHE A 220 -7.83 4.82 -10.09
C PHE A 220 -9.15 4.42 -10.82
N GLU A 221 -9.40 3.12 -10.97
CA GLU A 221 -10.63 2.70 -11.69
C GLU A 221 -11.88 3.21 -10.95
N MET A 222 -11.94 3.08 -9.64
CA MET A 222 -13.10 3.61 -8.89
C MET A 222 -13.10 5.13 -8.94
N ASP A 223 -11.94 5.76 -8.87
CA ASP A 223 -11.89 7.24 -8.94
C ASP A 223 -12.55 7.70 -10.24
N LYS A 224 -12.29 7.04 -11.36
CA LYS A 224 -12.88 7.45 -12.67
C LYS A 224 -14.42 7.24 -12.62
N LEU A 225 -14.89 6.18 -11.98
CA LEU A 225 -16.37 5.93 -11.85
C LEU A 225 -17.01 7.02 -10.98
N ILE A 226 -16.31 7.44 -9.92
CA ILE A 226 -16.81 8.52 -9.03
C ILE A 226 -16.88 9.83 -9.83
N ALA A 227 -15.85 10.15 -10.60
CA ALA A 227 -15.85 11.40 -11.40
C ALA A 227 -17.01 11.36 -12.42
N GLN A 228 -17.29 10.18 -12.98
CA GLN A 228 -18.33 10.03 -14.00
C GLN A 228 -19.74 10.13 -13.38
N LYS A 229 -19.94 9.49 -12.23
CA LYS A 229 -21.31 9.19 -11.75
C LYS A 229 -21.76 10.07 -10.59
N VAL A 230 -20.86 10.61 -9.77
CA VAL A 230 -21.24 11.42 -8.58
C VAL A 230 -21.45 12.86 -9.01
N ARG A 231 -22.70 13.24 -9.20
N ARG A 231 -22.70 13.23 -9.22
CA ARG A 231 -23.06 14.58 -9.70
CA ARG A 231 -23.11 14.55 -9.71
C ARG A 231 -22.65 15.61 -8.68
C ARG A 231 -22.69 15.62 -8.70
N GLY A 232 -21.94 16.64 -9.15
CA GLY A 232 -21.52 17.74 -8.27
C GLY A 232 -20.06 17.65 -7.87
N VAL A 233 -19.42 16.49 -8.07
CA VAL A 233 -17.97 16.41 -7.78
C VAL A 233 -17.18 17.21 -8.82
N ASP A 234 -16.33 18.13 -8.37
CA ASP A 234 -15.53 18.98 -9.30
C ASP A 234 -14.18 18.37 -9.65
N VAL A 235 -13.59 17.67 -8.71
CA VAL A 235 -12.18 17.14 -8.78
CA VAL A 235 -12.24 17.05 -8.90
C VAL A 235 -12.17 15.83 -8.00
N VAL A 236 -11.48 14.81 -8.46
CA VAL A 236 -11.22 13.58 -7.66
C VAL A 236 -9.73 13.48 -7.41
N VAL A 237 -9.39 13.32 -6.15
CA VAL A 237 -8.02 13.16 -5.64
C VAL A 237 -7.93 11.78 -5.01
N GLY A 238 -7.22 10.85 -5.68
CA GLY A 238 -7.26 9.44 -5.29
C GLY A 238 -5.97 8.83 -4.88
N GLY A 239 -5.99 7.51 -4.76
CA GLY A 239 -4.92 6.74 -4.16
C GLY A 239 -5.10 5.27 -4.36
N HIS A 240 -4.43 4.50 -3.56
CA HIS A 240 -4.53 3.03 -3.39
C HIS A 240 -3.79 2.23 -4.49
N SER A 241 -3.98 2.58 -5.76
CA SER A 241 -3.39 1.87 -6.92
C SER A 241 -1.96 2.36 -7.29
N ASN A 242 -1.43 3.31 -6.53
N ASN A 242 -1.41 3.30 -6.52
CA ASN A 242 -0.05 3.82 -6.75
CA ASN A 242 -0.05 3.86 -6.75
C ASN A 242 0.03 4.32 -8.20
C ASN A 242 0.05 4.37 -8.19
N THR A 243 -0.98 5.03 -8.67
CA THR A 243 -1.08 5.41 -10.09
C THR A 243 -0.24 6.66 -10.35
N PHE A 244 0.64 6.55 -11.33
CA PHE A 244 1.42 7.70 -11.80
C PHE A 244 0.77 8.22 -13.08
N LEU A 245 0.42 9.48 -13.02
CA LEU A 245 -0.12 10.26 -14.14
C LEU A 245 0.85 11.39 -14.45
N TYR A 246 1.01 11.72 -15.74
CA TYR A 246 1.94 12.81 -16.10
C TYR A 246 1.57 13.35 -17.46
N THR A 247 1.73 14.65 -17.63
CA THR A 247 1.60 15.36 -18.94
C THR A 247 2.98 15.77 -19.41
N GLY A 248 3.49 15.07 -20.41
CA GLY A 248 4.81 15.35 -20.97
C GLY A 248 5.80 14.25 -20.75
N ASN A 249 7.07 14.58 -20.90
N ASN A 249 7.10 14.58 -20.86
CA ASN A 249 8.15 13.59 -20.73
CA ASN A 249 8.17 13.59 -20.61
C ASN A 249 8.26 13.34 -19.21
C ASN A 249 8.27 13.34 -19.12
N PRO A 250 8.19 12.07 -18.70
CA PRO A 250 8.27 11.77 -17.28
C PRO A 250 9.65 12.14 -16.75
N PRO A 251 9.75 12.60 -15.51
CA PRO A 251 11.00 13.07 -14.96
C PRO A 251 11.90 12.00 -14.33
N SER A 252 11.36 10.78 -14.13
CA SER A 252 12.06 9.68 -13.46
C SER A 252 11.70 8.35 -14.15
N LYS A 253 11.78 7.22 -13.42
CA LYS A 253 11.62 5.88 -14.02
C LYS A 253 10.14 5.44 -14.08
N GLU A 254 9.23 6.10 -13.35
CA GLU A 254 7.80 5.68 -13.35
C GLU A 254 7.24 6.02 -14.73
N VAL A 255 6.53 5.06 -15.28
CA VAL A 255 5.86 5.19 -16.59
C VAL A 255 4.41 5.58 -16.36
N PRO A 256 3.96 6.71 -16.91
CA PRO A 256 2.59 7.13 -16.67
C PRO A 256 1.51 6.20 -17.21
N ALA A 257 0.41 6.12 -16.47
CA ALA A 257 -0.78 5.36 -16.89
C ALA A 257 -1.74 6.23 -17.69
N GLY A 258 -1.49 7.52 -17.72
CA GLY A 258 -2.32 8.50 -18.42
C GLY A 258 -1.83 9.91 -18.20
N LYS A 259 -2.54 10.87 -18.77
CA LYS A 259 -2.23 12.30 -18.57
C LYS A 259 -2.56 12.76 -17.16
N TYR A 260 -1.93 13.83 -16.73
CA TYR A 260 -2.22 14.52 -15.45
C TYR A 260 -2.77 15.91 -15.76
N PRO A 261 -3.99 16.27 -15.32
CA PRO A 261 -4.98 15.36 -14.78
C PRO A 261 -5.53 14.39 -15.81
N PHE A 262 -6.21 13.32 -15.34
CA PHE A 262 -6.97 12.41 -16.24
C PHE A 262 -8.36 13.00 -16.33
N ILE A 263 -8.85 13.30 -17.53
CA ILE A 263 -10.18 13.95 -17.68
C ILE A 263 -11.24 12.89 -17.92
N VAL A 264 -12.23 12.90 -17.04
CA VAL A 264 -13.46 12.10 -17.17
C VAL A 264 -14.59 13.03 -17.63
N THR A 265 -15.38 12.55 -18.58
CA THR A 265 -16.60 13.27 -18.96
C THR A 265 -17.73 12.72 -18.09
N SER A 266 -18.27 13.56 -17.26
CA SER A 266 -19.34 13.14 -16.33
C SER A 266 -20.66 12.89 -17.05
N ASP A 267 -21.52 12.15 -16.39
CA ASP A 267 -22.89 11.87 -16.88
C ASP A 267 -23.64 13.19 -17.14
N ASP A 268 -23.37 14.25 -16.38
CA ASP A 268 -24.04 15.56 -16.67
C ASP A 268 -23.25 16.46 -17.63
N GLY A 269 -22.18 15.95 -18.26
CA GLY A 269 -21.50 16.62 -19.38
C GLY A 269 -20.38 17.52 -18.95
N ARG A 270 -19.98 17.51 -17.67
CA ARG A 270 -18.80 18.31 -17.20
C ARG A 270 -17.51 17.51 -17.44
N LYS A 271 -16.41 18.25 -17.49
CA LYS A 271 -15.06 17.65 -17.52
C LYS A 271 -14.54 17.65 -16.10
N VAL A 272 -14.26 16.47 -15.57
CA VAL A 272 -13.86 16.29 -14.18
C VAL A 272 -12.45 15.74 -14.15
N PRO A 273 -11.50 16.52 -13.62
CA PRO A 273 -10.13 16.04 -13.44
C PRO A 273 -9.99 15.04 -12.30
N VAL A 274 -9.27 13.98 -12.60
CA VAL A 274 -8.88 12.87 -11.70
C VAL A 274 -7.36 12.87 -11.57
N VAL A 275 -6.90 12.91 -10.35
CA VAL A 275 -5.44 12.95 -10.06
C VAL A 275 -5.09 11.87 -9.05
N GLN A 276 -3.81 11.51 -9.12
CA GLN A 276 -3.10 10.60 -8.17
C GLN A 276 -1.63 11.01 -8.27
N ALA A 277 -0.81 10.56 -7.34
CA ALA A 277 0.62 10.99 -7.31
C ALA A 277 1.54 9.83 -6.90
N TYR A 278 1.41 8.68 -7.59
CA TYR A 278 2.25 7.48 -7.38
C TYR A 278 2.16 7.02 -5.93
N ALA A 279 3.25 6.97 -5.20
CA ALA A 279 3.33 6.43 -3.84
C ALA A 279 4.65 6.83 -3.22
N PHE A 280 4.81 6.55 -1.94
CA PHE A 280 6.13 6.55 -1.24
C PHE A 280 6.68 7.95 -1.06
N GLY A 281 5.90 8.99 -1.23
CA GLY A 281 6.34 10.39 -1.03
C GLY A 281 7.38 10.83 -2.06
N LYS A 282 7.52 10.12 -3.18
CA LYS A 282 8.51 10.49 -4.21
C LYS A 282 8.10 11.75 -4.96
N TYR A 283 6.81 11.97 -5.12
CA TYR A 283 6.23 13.12 -5.85
C TYR A 283 5.26 13.88 -4.95
N LEU A 284 5.13 15.18 -5.18
CA LEU A 284 4.03 16.01 -4.66
C LEU A 284 3.08 16.31 -5.80
N GLY A 285 1.84 15.82 -5.74
CA GLY A 285 0.82 16.22 -6.73
C GLY A 285 0.58 17.71 -6.66
N TYR A 286 0.33 18.32 -7.80
CA TYR A 286 0.14 19.78 -7.95
C TYR A 286 -0.84 20.03 -9.10
N LEU A 287 -2.06 20.43 -8.71
CA LEU A 287 -3.15 20.70 -9.68
C LEU A 287 -3.72 22.10 -9.47
N LYS A 288 -3.66 22.93 -10.49
CA LYS A 288 -4.30 24.27 -10.47
C LYS A 288 -5.68 24.18 -11.13
N ILE A 289 -6.68 24.64 -10.42
CA ILE A 289 -8.09 24.65 -10.88
CA ILE A 289 -8.07 24.65 -10.96
C ILE A 289 -8.57 26.10 -10.93
N GLU A 290 -9.18 26.50 -12.01
CA GLU A 290 -9.89 27.79 -12.06
C GLU A 290 -11.39 27.48 -11.95
N PHE A 291 -12.05 28.17 -11.04
CA PHE A 291 -13.53 28.08 -10.87
C PHE A 291 -14.18 29.39 -11.24
N ASP A 292 -15.37 29.29 -11.82
CA ASP A 292 -16.27 30.46 -11.97
C ASP A 292 -17.04 30.70 -10.66
N GLU A 293 -17.84 31.77 -10.64
CA GLU A 293 -18.60 32.27 -9.46
C GLU A 293 -19.56 31.18 -8.94
N ARG A 294 -20.00 30.27 -9.80
CA ARG A 294 -21.03 29.22 -9.53
C ARG A 294 -20.34 27.90 -9.17
N GLY A 295 -19.03 27.90 -9.06
CA GLY A 295 -18.30 26.68 -8.70
C GLY A 295 -18.10 25.73 -9.86
N ASN A 296 -18.20 26.16 -11.09
CA ASN A 296 -17.87 25.28 -12.24
C ASN A 296 -16.37 25.39 -12.53
N VAL A 297 -15.77 24.25 -12.84
CA VAL A 297 -14.34 24.21 -13.25
C VAL A 297 -14.22 24.76 -14.68
N ILE A 298 -13.48 25.85 -14.86
CA ILE A 298 -13.18 26.50 -16.16
C ILE A 298 -11.96 25.82 -16.79
N SER A 299 -10.97 25.45 -15.99
CA SER A 299 -9.71 24.85 -16.46
C SER A 299 -9.04 24.11 -15.32
N SER A 300 -8.19 23.16 -15.70
CA SER A 300 -7.40 22.40 -14.72
C SER A 300 -6.10 22.04 -15.42
N HIS A 301 -4.98 22.21 -14.71
CA HIS A 301 -3.69 21.80 -15.30
C HIS A 301 -2.69 21.55 -14.18
N GLY A 302 -1.65 20.79 -14.47
CA GLY A 302 -0.56 20.67 -13.50
C GLY A 302 0.28 19.46 -13.81
N ASN A 303 0.93 18.95 -12.78
CA ASN A 303 1.80 17.78 -12.88
C ASN A 303 2.36 17.48 -11.51
N PRO A 304 2.60 16.19 -11.20
CA PRO A 304 3.32 15.91 -9.98
C PRO A 304 4.75 16.46 -10.08
N ILE A 305 5.27 16.88 -8.93
CA ILE A 305 6.64 17.43 -8.79
C ILE A 305 7.53 16.34 -8.22
N LEU A 306 8.57 15.94 -8.95
CA LEU A 306 9.54 14.96 -8.44
C LEU A 306 10.32 15.60 -7.28
N LEU A 307 10.30 14.96 -6.11
CA LEU A 307 10.98 15.50 -4.90
C LEU A 307 12.40 14.97 -4.90
N ASP A 308 13.22 15.48 -5.81
CA ASP A 308 14.62 15.01 -5.95
C ASP A 308 15.57 15.88 -5.12
N SER A 309 16.86 15.56 -5.22
CA SER A 309 17.90 16.18 -4.36
CA SER A 309 17.88 16.18 -4.33
C SER A 309 18.12 17.65 -4.70
N SER A 310 17.56 18.14 -5.79
CA SER A 310 17.68 19.59 -6.11
C SER A 310 16.86 20.41 -5.10
N ILE A 311 15.95 19.76 -4.37
CA ILE A 311 15.16 20.44 -3.32
C ILE A 311 15.78 20.10 -1.97
N PRO A 312 16.23 21.09 -1.20
CA PRO A 312 16.87 20.77 0.06
C PRO A 312 15.86 20.27 1.09
N GLU A 313 16.32 19.36 1.93
CA GLU A 313 15.57 18.93 3.12
C GLU A 313 15.48 20.08 4.11
N ASP A 314 14.29 20.41 4.58
CA ASP A 314 14.15 21.46 5.61
C ASP A 314 15.02 21.11 6.81
N PRO A 315 15.95 22.01 7.24
CA PRO A 315 16.79 21.64 8.38
C PRO A 315 16.07 21.28 9.70
N SER A 316 15.01 22.00 10.03
CA SER A 316 14.26 21.80 11.29
CA SER A 316 14.35 21.74 11.33
C SER A 316 13.53 20.44 11.25
N ILE A 317 12.83 20.18 10.17
CA ILE A 317 12.14 18.87 10.07
C ILE A 317 13.18 17.75 10.07
N LYS A 318 14.29 17.92 9.33
CA LYS A 318 15.39 16.90 9.27
C LYS A 318 15.93 16.62 10.69
N ALA A 319 16.17 17.66 11.47
CA ALA A 319 16.70 17.45 12.83
C ALA A 319 15.66 16.72 13.71
N ASP A 320 14.38 17.01 13.53
CA ASP A 320 13.35 16.27 14.29
C ASP A 320 13.31 14.79 13.83
N ILE A 321 13.36 14.54 12.53
CA ILE A 321 13.43 13.14 12.00
C ILE A 321 14.62 12.43 12.67
N ASN A 322 15.77 13.08 12.73
CA ASN A 322 16.99 12.42 13.26
C ASN A 322 16.79 12.13 14.74
N LYS A 323 16.10 13.01 15.50
CA LYS A 323 15.80 12.75 16.92
C LYS A 323 14.88 11.52 17.03
N TRP A 324 13.84 11.44 16.21
CA TRP A 324 12.87 10.29 16.26
C TRP A 324 13.55 8.98 15.84
N ARG A 325 14.60 9.06 15.01
CA ARG A 325 15.29 7.85 14.55
C ARG A 325 15.99 7.10 15.70
N ILE A 326 16.34 7.78 16.78
CA ILE A 326 17.11 7.08 17.85
C ILE A 326 16.33 5.84 18.33
N LYS A 327 15.04 5.95 18.61
CA LYS A 327 14.26 4.79 19.08
C LYS A 327 14.17 3.69 18.00
N LEU A 328 14.23 4.04 16.72
CA LEU A 328 14.21 3.00 15.65
C LEU A 328 15.52 2.23 15.70
N ASP A 329 16.64 2.96 15.81
CA ASP A 329 17.98 2.32 15.88
C ASP A 329 18.00 1.40 17.09
N ASP A 330 17.49 1.83 18.26
CA ASP A 330 17.43 0.97 19.48
C ASP A 330 16.59 -0.29 19.21
N TYR A 331 15.44 -0.12 18.60
CA TYR A 331 14.49 -1.24 18.37
C TYR A 331 15.13 -2.26 17.43
N SER A 332 15.90 -1.77 16.47
CA SER A 332 16.40 -2.66 15.37
CA SER A 332 16.56 -2.55 15.38
C SER A 332 17.33 -3.77 15.89
N THR A 333 17.89 -3.67 17.09
CA THR A 333 18.81 -4.70 17.65
C THR A 333 18.16 -5.44 18.83
N GLN A 334 16.87 -5.24 19.10
CA GLN A 334 16.16 -5.96 20.20
C GLN A 334 15.76 -7.36 19.71
N GLU A 335 15.70 -8.30 20.62
CA GLU A 335 15.23 -9.65 20.29
C GLU A 335 13.72 -9.57 19.97
N LEU A 336 13.32 -10.07 18.80
CA LEU A 336 11.90 -10.23 18.41
C LEU A 336 11.36 -11.57 18.91
N GLY A 337 12.21 -12.57 18.87
CA GLY A 337 11.90 -13.96 19.19
C GLY A 337 13.13 -14.82 18.97
N LYS A 338 12.95 -16.12 19.03
CA LYS A 338 14.04 -17.11 18.93
C LYS A 338 13.75 -18.10 17.82
N THR A 339 14.82 -18.62 17.23
CA THR A 339 14.82 -19.85 16.41
C THR A 339 15.68 -20.90 17.11
N ILE A 340 15.22 -22.15 17.05
CA ILE A 340 16.02 -23.29 17.51
C ILE A 340 16.62 -24.04 16.31
N VAL A 341 16.34 -23.58 15.09
CA VAL A 341 16.85 -24.18 13.84
C VAL A 341 17.68 -23.14 13.08
N TYR A 342 18.67 -23.61 12.36
CA TYR A 342 19.33 -22.74 11.38
C TYR A 342 18.28 -22.30 10.36
N LEU A 343 18.21 -21.00 10.06
CA LEU A 343 17.28 -20.50 9.02
C LEU A 343 18.07 -20.38 7.74
N ASP A 344 17.87 -21.35 6.88
CA ASP A 344 18.70 -21.52 5.65
C ASP A 344 18.12 -20.64 4.57
N GLY A 345 18.69 -19.45 4.45
CA GLY A 345 18.43 -18.51 3.35
C GLY A 345 19.59 -18.39 2.38
N SER A 346 20.37 -19.44 2.24
CA SER A 346 21.49 -19.51 1.30
C SER A 346 20.96 -19.61 -0.12
N SER A 347 21.69 -19.07 -1.10
CA SER A 347 21.29 -19.22 -2.52
C SER A 347 21.38 -20.72 -2.94
N GLN A 348 22.37 -21.43 -2.42
CA GLN A 348 22.62 -22.84 -2.79
C GLN A 348 21.38 -23.68 -2.44
N SER A 349 20.67 -23.30 -1.39
CA SER A 349 19.40 -23.97 -1.02
C SER A 349 18.23 -23.30 -1.74
N CYS A 350 17.99 -22.02 -1.51
CA CYS A 350 16.72 -21.39 -1.86
C CYS A 350 16.53 -21.18 -3.37
N ARG A 351 17.59 -21.30 -4.18
CA ARG A 351 17.48 -21.23 -5.66
C ARG A 351 17.47 -22.62 -6.30
N PHE A 352 17.49 -23.67 -5.50
CA PHE A 352 17.61 -25.06 -6.02
C PHE A 352 16.56 -26.02 -5.45
N ARG A 353 16.02 -25.76 -4.28
CA ARG A 353 15.13 -26.72 -3.61
C ARG A 353 14.34 -25.98 -2.54
N GLU A 354 13.36 -26.65 -1.98
CA GLU A 354 12.64 -26.11 -0.78
C GLU A 354 13.71 -25.73 0.28
N CYS A 355 13.61 -24.53 0.83
CA CYS A 355 14.48 -24.04 1.91
C CYS A 355 13.62 -23.62 3.08
N ASN A 356 14.12 -23.87 4.29
CA ASN A 356 13.23 -23.59 5.47
C ASN A 356 13.07 -22.08 5.72
N MET A 357 13.96 -21.22 5.24
CA MET A 357 13.71 -19.76 5.30
C MET A 357 12.54 -19.38 4.40
N GLY A 358 12.48 -19.97 3.21
CA GLY A 358 11.35 -19.76 2.30
C GLY A 358 10.05 -20.19 2.93
N ASN A 359 10.03 -21.33 3.58
CA ASN A 359 8.80 -21.82 4.21
C ASN A 359 8.39 -20.84 5.32
N LEU A 360 9.35 -20.37 6.13
CA LEU A 360 9.06 -19.42 7.21
C LEU A 360 8.38 -18.17 6.64
N ILE A 361 9.01 -17.61 5.60
CA ILE A 361 8.50 -16.31 5.05
C ILE A 361 7.08 -16.53 4.48
N CYS A 362 6.89 -17.59 3.72
CA CYS A 362 5.53 -17.88 3.20
C CYS A 362 4.50 -18.16 4.32
N ASP A 363 4.90 -18.82 5.38
CA ASP A 363 3.99 -19.02 6.51
C ASP A 363 3.65 -17.69 7.20
N ALA A 364 4.61 -16.79 7.28
CA ALA A 364 4.37 -15.43 7.79
C ALA A 364 3.45 -14.65 6.86
N MET A 365 3.63 -14.80 5.55
CA MET A 365 2.77 -14.13 4.59
C MET A 365 1.32 -14.57 4.78
N ILE A 366 1.07 -15.87 4.89
CA ILE A 366 -0.34 -16.33 5.04
CA ILE A 366 -0.31 -16.39 5.06
C ILE A 366 -0.87 -15.83 6.38
N ASN A 367 -0.10 -15.96 7.45
CA ASN A 367 -0.56 -15.46 8.77
C ASN A 367 -0.94 -13.98 8.71
N ASN A 368 -0.20 -13.15 8.01
CA ASN A 368 -0.48 -11.69 7.87
C ASN A 368 -1.83 -11.47 7.17
N ASN A 369 -2.26 -12.42 6.32
CA ASN A 369 -3.46 -12.29 5.47
C ASN A 369 -4.64 -13.08 6.05
N LEU A 370 -4.61 -13.39 7.35
CA LEU A 370 -5.83 -13.92 8.02
C LEU A 370 -6.76 -12.74 8.26
N ARG A 371 -7.91 -12.77 7.65
CA ARG A 371 -8.88 -11.67 7.76
C ARG A 371 -10.18 -12.25 8.35
N HIS A 372 -11.20 -11.45 8.47
CA HIS A 372 -12.50 -11.78 9.09
C HIS A 372 -13.02 -13.03 8.41
N ALA A 373 -13.31 -14.05 9.23
CA ALA A 373 -14.00 -15.29 8.84
C ALA A 373 -15.48 -15.00 8.67
N ASP A 374 -16.03 -15.94 7.95
CA ASP A 374 -17.18 -15.90 7.03
C ASP A 374 -17.51 -17.39 6.89
N GLU A 375 -18.75 -17.76 6.64
CA GLU A 375 -19.10 -19.19 6.62
C GLU A 375 -18.70 -19.83 5.29
N MET A 376 -18.20 -19.09 4.30
CA MET A 376 -17.91 -19.63 2.95
C MET A 376 -16.42 -19.99 2.81
N PHE A 377 -15.56 -19.62 3.75
CA PHE A 377 -14.13 -19.98 3.65
C PHE A 377 -13.53 -19.98 5.05
N TRP A 378 -12.52 -20.81 5.28
CA TRP A 378 -11.79 -20.75 6.56
C TRP A 378 -10.92 -19.46 6.59
N ASN A 379 -10.36 -19.11 5.45
CA ASN A 379 -9.68 -17.82 5.21
C ASN A 379 -9.80 -17.50 3.73
N HIS A 380 -9.75 -16.22 3.36
CA HIS A 380 -9.96 -15.87 1.94
C HIS A 380 -8.78 -16.28 1.05
N VAL A 381 -7.63 -16.46 1.65
CA VAL A 381 -6.41 -16.78 0.86
C VAL A 381 -5.64 -17.86 1.62
N SER A 382 -5.04 -18.80 0.87
CA SER A 382 -4.30 -19.92 1.47
C SER A 382 -2.94 -20.17 0.83
N MET A 383 -2.57 -19.37 -0.18
CA MET A 383 -1.44 -19.71 -1.06
C MET A 383 -0.42 -18.56 -1.12
N CYS A 384 0.87 -18.93 -1.28
CA CYS A 384 2.02 -17.99 -1.26
C CYS A 384 3.04 -18.47 -2.26
N ILE A 385 3.65 -17.55 -2.98
CA ILE A 385 4.87 -17.85 -3.76
C ILE A 385 5.88 -16.71 -3.51
N LEU A 386 7.16 -17.09 -3.60
CA LEU A 386 8.25 -16.17 -3.20
C LEU A 386 9.49 -16.49 -4.04
N ASN A 387 10.01 -15.49 -4.76
CA ASN A 387 11.26 -15.75 -5.51
C ASN A 387 12.40 -16.08 -4.58
N GLY A 388 13.10 -17.18 -4.80
CA GLY A 388 14.23 -17.58 -3.95
C GLY A 388 15.38 -16.58 -4.04
N GLY A 389 15.54 -15.86 -5.15
CA GLY A 389 16.52 -14.77 -5.25
C GLY A 389 16.19 -13.59 -4.40
N GLY A 390 14.98 -13.49 -3.85
CA GLY A 390 14.60 -12.42 -2.92
C GLY A 390 14.98 -12.70 -1.48
N ILE A 391 15.52 -13.88 -1.19
CA ILE A 391 15.99 -14.28 0.15
C ILE A 391 17.49 -14.09 0.14
N ARG A 392 17.98 -13.15 0.95
CA ARG A 392 19.35 -12.62 0.73
C ARG A 392 20.34 -13.02 1.81
N SER A 393 19.94 -13.72 2.84
CA SER A 393 20.86 -14.14 3.93
C SER A 393 20.19 -15.27 4.70
N PRO A 394 20.99 -16.19 5.29
CA PRO A 394 20.56 -17.04 6.38
C PRO A 394 20.52 -16.25 7.69
N ILE A 395 19.97 -16.91 8.71
CA ILE A 395 20.05 -16.48 10.13
C ILE A 395 20.55 -17.67 10.93
N ASP A 396 21.70 -17.49 11.57
CA ASP A 396 22.30 -18.48 12.46
C ASP A 396 21.52 -18.48 13.79
N GLU A 397 21.25 -19.69 14.28
CA GLU A 397 20.55 -19.97 15.56
C GLU A 397 21.48 -19.95 16.77
N ARG A 398 22.77 -19.73 16.57
CA ARG A 398 23.73 -19.92 17.69
C ARG A 398 24.03 -18.62 18.47
N ASN A 399 23.33 -17.49 18.21
N ASN A 399 23.27 -17.54 18.28
CA ASN A 399 23.31 -16.24 19.04
CA ASN A 399 23.41 -16.31 19.10
C ASN A 399 22.20 -16.38 20.09
C ASN A 399 22.27 -16.36 20.13
N ASP A 400 22.26 -17.48 20.87
CA ASP A 400 21.21 -17.82 21.89
C ASP A 400 19.82 -17.88 21.21
N GLY A 401 19.80 -18.20 19.93
CA GLY A 401 18.57 -18.27 19.12
C GLY A 401 17.97 -16.92 18.75
N THR A 402 18.56 -15.81 19.19
CA THR A 402 17.96 -14.47 18.96
C THR A 402 17.81 -14.18 17.47
N ILE A 403 16.68 -13.56 17.14
CA ILE A 403 16.39 -12.92 15.83
C ILE A 403 16.05 -11.46 16.12
N THR A 404 16.71 -10.55 15.42
CA THR A 404 16.41 -9.13 15.50
C THR A 404 15.89 -8.59 14.17
N TRP A 405 15.34 -7.39 14.21
CA TRP A 405 14.91 -6.73 12.97
C TRP A 405 16.10 -6.58 12.01
N GLU A 406 17.27 -6.16 12.54
CA GLU A 406 18.49 -6.04 11.69
C GLU A 406 18.77 -7.36 10.94
N ASN A 407 18.63 -8.49 11.62
CA ASN A 407 18.82 -9.80 10.98
C ASN A 407 17.80 -9.99 9.84
N LEU A 408 16.54 -9.63 10.07
CA LEU A 408 15.52 -9.80 9.01
C LEU A 408 15.79 -8.85 7.85
N ALA A 409 16.27 -7.63 8.15
CA ALA A 409 16.56 -6.67 7.08
C ALA A 409 17.71 -7.18 6.19
N ALA A 410 18.60 -8.03 6.68
CA ALA A 410 19.62 -8.67 5.82
C ALA A 410 18.98 -9.72 4.92
N VAL A 411 17.96 -10.41 5.41
CA VAL A 411 17.28 -11.44 4.60
C VAL A 411 16.43 -10.78 3.51
N LEU A 412 15.78 -9.67 3.84
CA LEU A 412 14.80 -8.95 3.01
C LEU A 412 15.17 -7.49 2.92
N PRO A 413 16.17 -7.15 2.07
CA PRO A 413 16.73 -5.80 2.04
C PRO A 413 16.13 -4.83 1.03
N PHE A 414 15.13 -5.26 0.24
CA PHE A 414 14.74 -4.56 -0.98
C PHE A 414 13.63 -3.51 -0.74
N GLY A 415 13.03 -3.52 0.43
CA GLY A 415 11.96 -2.57 0.75
C GLY A 415 10.64 -2.89 0.07
N GLY A 416 10.36 -4.15 -0.15
CA GLY A 416 9.13 -4.55 -0.87
C GLY A 416 7.95 -4.80 0.07
N THR A 417 6.87 -5.20 -0.54
CA THR A 417 5.60 -5.59 0.12
C THR A 417 5.22 -7.00 -0.30
N PHE A 418 4.37 -7.59 0.54
CA PHE A 418 3.78 -8.91 0.23
C PHE A 418 2.32 -8.62 -0.14
N ASP A 419 2.07 -8.69 -1.44
CA ASP A 419 0.80 -8.23 -2.06
C ASP A 419 -0.18 -9.39 -2.24
N LEU A 420 -1.44 -9.04 -2.46
CA LEU A 420 -2.52 -10.00 -2.76
C LEU A 420 -2.91 -9.88 -4.24
N VAL A 421 -2.86 -11.00 -4.98
CA VAL A 421 -3.31 -11.02 -6.39
C VAL A 421 -4.31 -12.13 -6.59
N GLN A 422 -5.07 -12.01 -7.68
CA GLN A 422 -5.89 -13.10 -8.20
C GLN A 422 -5.30 -13.58 -9.52
N LEU A 423 -5.05 -14.89 -9.63
CA LEU A 423 -4.43 -15.54 -10.81
C LEU A 423 -5.28 -16.73 -11.21
N LYS A 424 -5.54 -16.89 -12.49
CA LYS A 424 -6.06 -18.18 -12.99
C LYS A 424 -5.05 -19.29 -12.69
N GLY A 425 -5.54 -20.53 -12.53
CA GLY A 425 -4.65 -21.69 -12.40
C GLY A 425 -3.69 -21.77 -13.57
N SER A 426 -4.16 -21.55 -14.78
CA SER A 426 -3.28 -21.60 -15.98
C SER A 426 -2.07 -20.67 -15.78
N THR A 427 -2.33 -19.47 -15.29
CA THR A 427 -1.24 -18.49 -15.06
C THR A 427 -0.27 -19.05 -14.01
N LEU A 428 -0.78 -19.57 -12.92
CA LEU A 428 0.10 -20.09 -11.85
CA LEU A 428 0.07 -20.14 -11.85
C LEU A 428 0.92 -21.28 -12.40
N LYS A 429 0.34 -22.17 -13.20
CA LYS A 429 1.10 -23.29 -13.81
C LYS A 429 2.24 -22.71 -14.65
N LYS A 430 1.97 -21.71 -15.48
CA LYS A 430 3.00 -21.02 -16.29
C LYS A 430 4.08 -20.46 -15.35
N ALA A 431 3.72 -19.86 -14.23
CA ALA A 431 4.71 -19.33 -13.26
C ALA A 431 5.60 -20.49 -12.74
N PHE A 432 5.03 -21.65 -12.39
CA PHE A 432 5.85 -22.77 -11.86
C PHE A 432 6.73 -23.36 -12.98
N GLU A 433 6.27 -23.33 -14.24
CA GLU A 433 7.15 -23.74 -15.37
C GLU A 433 8.33 -22.76 -15.46
N HIS A 434 8.06 -21.48 -15.36
CA HIS A 434 9.12 -20.43 -15.48
C HIS A 434 10.11 -20.61 -14.34
N SER A 435 9.65 -20.96 -13.14
CA SER A 435 10.46 -21.23 -11.93
C SER A 435 11.63 -22.15 -12.20
N VAL A 436 11.44 -23.11 -13.11
CA VAL A 436 12.47 -24.15 -13.42
C VAL A 436 12.86 -24.21 -14.89
N HIS A 437 12.52 -23.20 -15.69
CA HIS A 437 12.76 -23.26 -17.16
C HIS A 437 14.24 -23.36 -17.55
N ARG A 438 15.13 -22.90 -16.67
CA ARG A 438 16.59 -22.93 -16.91
C ARG A 438 17.26 -23.41 -15.63
N TYR A 439 16.62 -24.32 -14.93
CA TYR A 439 17.14 -24.85 -13.65
C TYR A 439 18.60 -25.25 -13.74
N GLY A 440 19.31 -24.88 -12.69
CA GLY A 440 20.69 -25.34 -12.46
C GLY A 440 21.71 -24.22 -12.47
N GLN A 441 21.28 -22.98 -12.70
CA GLN A 441 22.18 -21.83 -12.90
C GLN A 441 22.12 -20.85 -11.72
N SER A 442 21.48 -21.23 -10.62
CA SER A 442 21.39 -20.38 -9.42
C SER A 442 20.76 -19.04 -9.81
N THR A 443 19.66 -19.11 -10.53
CA THR A 443 18.87 -17.92 -10.88
C THR A 443 17.74 -17.66 -9.89
N GLY A 444 17.30 -16.41 -9.81
CA GLY A 444 16.43 -15.99 -8.69
C GLY A 444 14.96 -16.42 -8.84
N GLU A 445 14.51 -16.81 -10.02
CA GLU A 445 13.07 -17.08 -10.27
C GLU A 445 12.57 -18.37 -9.59
N PHE A 446 13.42 -19.24 -9.08
CA PHE A 446 12.97 -20.49 -8.43
C PHE A 446 12.06 -20.11 -7.24
N LEU A 447 10.87 -20.69 -7.17
CA LEU A 447 9.84 -20.28 -6.21
C LEU A 447 9.82 -21.14 -4.94
N GLN A 448 9.86 -20.45 -3.82
CA GLN A 448 9.49 -20.98 -2.52
C GLN A 448 7.97 -20.77 -2.34
N VAL A 449 7.35 -21.63 -1.54
CA VAL A 449 5.87 -21.71 -1.55
C VAL A 449 5.30 -21.89 -0.15
N GLY A 450 3.99 -21.61 -0.06
CA GLY A 450 3.12 -21.99 1.08
C GLY A 450 1.72 -22.29 0.53
N GLY A 451 1.09 -23.32 1.06
CA GLY A 451 -0.26 -23.72 0.62
C GLY A 451 -0.27 -24.32 -0.77
N ILE A 452 0.89 -24.70 -1.27
CA ILE A 452 1.09 -25.29 -2.62
C ILE A 452 2.07 -26.46 -2.45
N HIS A 453 1.78 -27.55 -3.11
CA HIS A 453 2.69 -28.71 -3.22
C HIS A 453 2.96 -28.92 -4.68
N VAL A 454 4.21 -28.77 -5.07
CA VAL A 454 4.62 -28.92 -6.50
C VAL A 454 5.62 -30.08 -6.63
N VAL A 455 5.53 -30.79 -7.75
CA VAL A 455 6.51 -31.82 -8.11
C VAL A 455 6.98 -31.50 -9.53
N TYR A 456 8.30 -31.40 -9.69
CA TYR A 456 8.92 -31.18 -10.98
C TYR A 456 9.58 -32.47 -11.50
N ASP A 457 9.61 -32.61 -12.81
CA ASP A 457 10.43 -33.63 -13.49
C ASP A 457 11.37 -32.90 -14.44
N LEU A 458 12.61 -32.69 -14.01
CA LEU A 458 13.58 -31.88 -14.77
C LEU A 458 14.05 -32.57 -16.04
N SER A 459 13.75 -33.87 -16.22
CA SER A 459 14.13 -34.59 -17.46
C SER A 459 13.20 -34.19 -18.61
N ARG A 460 12.05 -33.59 -18.32
CA ARG A 460 11.11 -33.08 -19.36
C ARG A 460 11.61 -31.77 -19.96
N LYS A 461 11.02 -31.38 -21.08
CA LYS A 461 11.39 -30.15 -21.80
C LYS A 461 10.98 -28.96 -20.94
N PRO A 462 11.77 -27.85 -20.96
CA PRO A 462 11.30 -26.60 -20.38
C PRO A 462 9.87 -26.28 -20.83
N GLY A 463 9.02 -25.82 -19.91
CA GLY A 463 7.59 -25.56 -20.15
C GLY A 463 6.71 -26.75 -19.84
N ASP A 464 7.27 -27.94 -19.62
CA ASP A 464 6.47 -29.16 -19.38
C ASP A 464 7.10 -29.95 -18.23
N ARG A 465 7.70 -29.25 -17.27
CA ARG A 465 8.41 -29.86 -16.11
C ARG A 465 7.48 -30.00 -14.90
N VAL A 466 6.38 -29.30 -14.83
CA VAL A 466 5.48 -29.45 -13.66
C VAL A 466 4.63 -30.70 -13.83
N VAL A 467 4.82 -31.69 -12.96
CA VAL A 467 4.07 -32.96 -13.13
C VAL A 467 2.97 -33.13 -12.08
N LYS A 468 3.00 -32.38 -10.98
CA LYS A 468 1.90 -32.34 -10.01
C LYS A 468 1.88 -30.94 -9.42
N LEU A 469 0.71 -30.42 -9.21
CA LEU A 469 0.52 -29.11 -8.59
C LEU A 469 -0.80 -29.15 -7.83
N ASP A 470 -0.70 -29.19 -6.50
CA ASP A 470 -1.86 -29.26 -5.63
C ASP A 470 -1.85 -28.01 -4.76
N VAL A 471 -3.04 -27.52 -4.42
CA VAL A 471 -3.20 -26.24 -3.71
C VAL A 471 -4.19 -26.40 -2.54
N LEU A 472 -3.94 -25.64 -1.49
CA LEU A 472 -4.77 -25.67 -0.26
C LEU A 472 -6.07 -24.95 -0.57
N CYS A 473 -7.18 -25.63 -0.28
CA CYS A 473 -8.55 -25.05 -0.47
C CYS A 473 -8.73 -23.84 0.44
N THR A 474 -9.65 -22.98 0.01
CA THR A 474 -10.17 -21.88 0.84
C THR A 474 -11.65 -22.15 1.18
N SER A 475 -12.42 -22.59 0.20
CA SER A 475 -13.88 -22.76 0.32
C SER A 475 -14.15 -24.14 0.93
N CYS A 476 -13.76 -24.29 2.17
CA CYS A 476 -13.70 -25.55 2.91
C CYS A 476 -13.54 -25.23 4.40
N ARG A 477 -14.15 -26.04 5.25
CA ARG A 477 -14.01 -25.88 6.71
C ARG A 477 -12.76 -26.55 7.23
N VAL A 478 -12.31 -27.62 6.57
CA VAL A 478 -11.06 -28.34 6.91
C VAL A 478 -10.13 -28.10 5.73
N PRO A 479 -9.04 -27.33 5.92
CA PRO A 479 -8.10 -27.12 4.80
C PRO A 479 -7.43 -28.43 4.36
N SER A 480 -7.42 -28.66 3.05
CA SER A 480 -6.82 -29.85 2.42
C SER A 480 -6.37 -29.48 1.03
N TYR A 481 -5.56 -30.34 0.43
CA TYR A 481 -4.96 -30.07 -0.91
C TYR A 481 -5.77 -30.79 -1.98
N ASP A 482 -6.01 -30.07 -3.07
CA ASP A 482 -6.65 -30.58 -4.29
C ASP A 482 -5.82 -30.18 -5.48
N PRO A 483 -5.93 -30.90 -6.60
CA PRO A 483 -5.22 -30.49 -7.82
C PRO A 483 -5.61 -29.09 -8.25
N LEU A 484 -4.63 -28.36 -8.73
CA LEU A 484 -4.90 -27.04 -9.32
CA LEU A 484 -4.84 -27.03 -9.37
C LEU A 484 -5.78 -27.21 -10.57
N LYS A 485 -6.76 -26.32 -10.71
CA LYS A 485 -7.69 -26.27 -11.86
C LYS A 485 -7.29 -25.08 -12.74
N MET A 486 -7.17 -25.33 -14.03
CA MET A 486 -6.62 -24.32 -14.96
C MET A 486 -7.51 -23.09 -15.07
N ASP A 487 -8.83 -23.27 -15.00
CA ASP A 487 -9.82 -22.18 -15.24
C ASP A 487 -10.18 -21.46 -13.94
N GLU A 488 -9.84 -22.03 -12.78
N GLU A 488 -9.76 -21.98 -12.80
CA GLU A 488 -10.25 -21.44 -11.47
CA GLU A 488 -10.23 -21.37 -11.54
C GLU A 488 -9.32 -20.27 -11.14
C GLU A 488 -9.29 -20.23 -11.16
N VAL A 489 -9.87 -19.26 -10.48
CA VAL A 489 -9.10 -18.10 -10.01
C VAL A 489 -8.72 -18.32 -8.54
N TYR A 490 -7.43 -18.16 -8.29
CA TYR A 490 -6.83 -18.31 -6.95
C TYR A 490 -6.31 -16.98 -6.44
N LYS A 491 -6.54 -16.74 -5.17
CA LYS A 491 -5.84 -15.68 -4.43
C LYS A 491 -4.45 -16.19 -4.05
N VAL A 492 -3.44 -15.34 -4.26
CA VAL A 492 -2.02 -15.70 -3.95
C VAL A 492 -1.39 -14.47 -3.30
N ILE A 493 -0.62 -14.72 -2.25
CA ILE A 493 0.26 -13.69 -1.66
CA ILE A 493 0.26 -13.69 -1.66
C ILE A 493 1.65 -13.84 -2.30
N LEU A 494 2.22 -12.72 -2.71
CA LEU A 494 3.54 -12.76 -3.40
C LEU A 494 4.17 -11.39 -3.32
N PRO A 495 5.49 -11.32 -3.48
CA PRO A 495 6.17 -10.01 -3.42
C PRO A 495 5.67 -9.08 -4.53
N ASN A 496 5.61 -7.78 -4.24
CA ASN A 496 5.30 -6.80 -5.29
C ASN A 496 6.28 -6.97 -6.45
N PHE A 497 7.53 -7.35 -6.19
CA PHE A 497 8.52 -7.55 -7.27
C PHE A 497 7.99 -8.53 -8.33
N LEU A 498 7.35 -9.63 -7.88
CA LEU A 498 6.74 -10.62 -8.81
C LEU A 498 5.42 -10.12 -9.39
N ALA A 499 4.59 -9.44 -8.62
CA ALA A 499 3.32 -8.92 -9.16
C ALA A 499 3.56 -7.97 -10.33
N ASN A 500 4.71 -7.28 -10.30
CA ASN A 500 5.09 -6.30 -11.32
C ASN A 500 5.88 -6.95 -12.45
N GLY A 501 5.99 -8.26 -12.46
CA GLY A 501 6.63 -9.00 -13.56
C GLY A 501 8.14 -9.13 -13.45
N GLY A 502 8.68 -8.92 -12.24
CA GLY A 502 10.11 -9.15 -12.00
C GLY A 502 10.53 -10.59 -12.23
N ASP A 503 11.82 -10.82 -12.41
CA ASP A 503 12.39 -12.19 -12.60
C ASP A 503 11.78 -12.89 -13.80
N GLY A 504 11.27 -12.14 -14.78
CA GLY A 504 10.74 -12.71 -16.01
C GLY A 504 9.33 -13.27 -15.85
N PHE A 505 8.66 -12.98 -14.73
CA PHE A 505 7.26 -13.45 -14.51
C PHE A 505 6.29 -12.51 -15.20
N GLN A 506 6.46 -12.34 -16.51
CA GLN A 506 5.60 -11.45 -17.31
C GLN A 506 4.15 -11.96 -17.28
N MET A 507 3.96 -13.28 -17.21
CA MET A 507 2.59 -13.85 -17.19
C MET A 507 1.83 -13.34 -15.97
N ILE A 508 2.49 -13.19 -14.85
CA ILE A 508 1.76 -12.70 -13.63
C ILE A 508 1.27 -11.29 -13.91
N LYS A 509 2.16 -10.40 -14.33
CA LYS A 509 1.77 -9.00 -14.57
C LYS A 509 0.67 -8.94 -15.62
N ASP A 510 0.84 -9.68 -16.71
CA ASP A 510 -0.06 -9.54 -17.86
C ASP A 510 -1.41 -10.23 -17.62
N GLU A 511 -1.50 -11.24 -16.76
CA GLU A 511 -2.73 -12.07 -16.69
C GLU A 511 -3.42 -11.89 -15.33
N LEU A 512 -2.86 -11.19 -14.37
CA LEU A 512 -3.55 -11.11 -13.06
C LEU A 512 -4.88 -10.35 -13.20
N LEU A 513 -5.81 -10.74 -12.35
CA LEU A 513 -7.22 -10.27 -12.36
CA LEU A 513 -7.19 -10.24 -12.39
C LEU A 513 -7.44 -9.19 -11.30
N ARG A 514 -6.61 -9.14 -10.27
CA ARG A 514 -6.72 -8.20 -9.14
C ARG A 514 -5.32 -8.07 -8.58
N HIS A 515 -4.97 -6.89 -8.05
CA HIS A 515 -3.69 -6.67 -7.35
C HIS A 515 -3.93 -5.58 -6.30
N ASP A 516 -3.59 -5.86 -5.05
CA ASP A 516 -3.60 -4.87 -3.96
C ASP A 516 -2.28 -4.97 -3.22
N SER A 517 -1.74 -3.82 -2.92
CA SER A 517 -0.44 -3.76 -2.21
CA SER A 517 -0.47 -3.65 -2.16
C SER A 517 -0.65 -4.12 -0.73
N GLY A 518 0.26 -4.92 -0.23
CA GLY A 518 0.21 -5.38 1.15
C GLY A 518 1.26 -4.78 2.06
N ASP A 519 1.52 -5.47 3.14
CA ASP A 519 2.38 -4.98 4.22
C ASP A 519 3.86 -5.09 3.86
N GLN A 520 4.64 -4.31 4.58
CA GLN A 520 6.12 -4.33 4.40
C GLN A 520 6.64 -5.75 4.61
N ASP A 521 7.54 -6.21 3.73
CA ASP A 521 8.13 -7.56 3.82
C ASP A 521 8.75 -7.85 5.20
N ILE A 522 9.67 -7.01 5.67
CA ILE A 522 10.31 -7.28 6.98
C ILE A 522 9.22 -7.34 8.08
N ASN A 523 8.32 -6.38 8.07
CA ASN A 523 7.31 -6.25 9.14
C ASN A 523 6.45 -7.53 9.20
N VAL A 524 6.11 -8.08 8.03
CA VAL A 524 5.29 -9.33 7.99
C VAL A 524 6.04 -10.42 8.76
N VAL A 525 7.34 -10.58 8.49
CA VAL A 525 8.09 -11.69 9.11
C VAL A 525 8.30 -11.37 10.59
N SER A 526 8.64 -10.12 10.94
CA SER A 526 8.88 -9.75 12.34
CA SER A 526 8.86 -9.69 12.34
C SER A 526 7.62 -10.01 13.20
N THR A 527 6.45 -9.63 12.73
CA THR A 527 5.22 -9.80 13.48
C THR A 527 4.98 -11.30 13.71
N TYR A 528 5.19 -12.12 12.69
CA TYR A 528 5.01 -13.59 12.80
C TYR A 528 5.93 -14.18 13.87
N ILE A 529 7.22 -13.81 13.80
CA ILE A 529 8.21 -14.33 14.75
C ILE A 529 7.83 -13.89 16.16
N SER A 530 7.44 -12.61 16.32
CA SER A 530 7.03 -12.12 17.66
C SER A 530 5.86 -12.92 18.20
N LYS A 531 4.87 -13.22 17.35
CA LYS A 531 3.67 -14.00 17.75
C LYS A 531 4.09 -15.40 18.19
N MET A 532 4.97 -16.03 17.41
CA MET A 532 5.31 -17.46 17.57
C MET A 532 6.23 -17.68 18.78
N LYS A 533 7.10 -16.68 19.04
CA LYS A 533 8.06 -16.64 20.18
C LYS A 533 9.25 -17.55 19.92
N VAL A 534 9.00 -18.81 19.55
CA VAL A 534 10.06 -19.79 19.25
C VAL A 534 9.65 -20.48 17.95
N ILE A 535 10.50 -20.43 16.94
CA ILE A 535 10.19 -21.02 15.61
C ILE A 535 11.18 -22.16 15.31
N TYR A 536 10.73 -23.08 14.48
CA TYR A 536 11.48 -24.29 14.09
C TYR A 536 11.03 -24.77 12.72
N PRO A 537 11.01 -23.92 11.68
CA PRO A 537 10.59 -24.34 10.35
C PRO A 537 11.44 -25.48 9.79
N ALA A 538 10.73 -26.46 9.25
CA ALA A 538 11.30 -27.64 8.57
C ALA A 538 11.20 -27.52 7.05
N VAL A 539 12.01 -28.33 6.35
CA VAL A 539 11.82 -28.70 4.93
C VAL A 539 10.90 -29.92 4.93
N GLU A 540 9.75 -29.83 4.31
CA GLU A 540 8.69 -30.82 4.56
C GLU A 540 8.09 -31.44 3.33
N GLY A 541 8.61 -31.18 2.14
CA GLY A 541 8.08 -31.76 0.91
C GLY A 541 7.08 -30.89 0.17
N ARG A 542 7.10 -29.58 0.40
CA ARG A 542 6.28 -28.66 -0.41
C ARG A 542 6.75 -28.68 -1.88
N ILE A 543 8.05 -28.88 -2.09
CA ILE A 543 8.66 -28.90 -3.45
C ILE A 543 9.40 -30.21 -3.58
N LYS A 544 9.05 -31.03 -4.56
CA LYS A 544 9.79 -32.28 -4.80
C LYS A 544 10.20 -32.38 -6.27
N PHE A 545 11.20 -33.22 -6.51
CA PHE A 545 11.74 -33.54 -7.83
C PHE A 545 11.55 -35.04 -8.04
N SER A 546 11.11 -35.41 -9.22
CA SER A 546 10.93 -36.83 -9.56
C SER A 546 12.10 -37.28 -10.42
ZN ZN B . -1.27 1.92 -0.43
ZN ZN C . -4.46 1.34 -0.23
CA CA D . -19.04 22.69 -8.59
C1 GOL E . 10.98 -8.47 -1.56
O1 GOL E . 9.65 -8.37 -1.02
C2 GOL E . 11.62 -9.79 -1.12
O2 GOL E . 13.05 -9.75 -1.16
C3 GOL E . 11.11 -10.97 -1.92
O3 GOL E . 11.29 -10.73 -3.32
P IMP F . 21.96 -12.13 -7.68
O1P IMP F . 22.46 -12.49 -6.31
O2P IMP F . 22.64 -10.95 -8.34
O3P IMP F . 21.97 -13.33 -8.60
O5' IMP F . 20.44 -11.73 -7.35
C5' IMP F . 19.47 -11.51 -8.41
C4' IMP F . 18.10 -11.88 -7.87
O4' IMP F . 17.74 -10.95 -6.83
C3' IMP F . 16.95 -11.75 -8.85
O3' IMP F . 16.92 -12.85 -9.76
C2' IMP F . 15.74 -11.59 -7.94
O2' IMP F . 15.21 -12.84 -7.54
C1' IMP F . 16.34 -10.85 -6.74
N9 IMP F . 15.99 -9.43 -6.74
C8 IMP F . 16.71 -8.40 -7.33
N7 IMP F . 16.19 -7.21 -7.14
C5 IMP F . 15.06 -7.49 -6.37
C6 IMP F . 14.11 -6.60 -5.83
O6 IMP F . 14.07 -5.37 -5.91
N1 IMP F . 13.13 -7.28 -5.12
C2 IMP F . 13.10 -8.62 -4.90
N3 IMP F . 13.99 -9.46 -5.38
C4 IMP F . 14.94 -8.85 -6.10
#